data_5HGI
#
_entry.id   5HGI
#
_cell.length_a   68.039
_cell.length_b   169.196
_cell.length_c   104.138
_cell.angle_alpha   90.00
_cell.angle_beta   90.00
_cell.angle_gamma   90.00
#
_symmetry.space_group_name_H-M   'C 2 2 21'
#
loop_
_entity.id
_entity.type
_entity.pdbx_description
1 polymer 'Serine/threonine-protein kinase/endoribonuclease IRE1'
2 non-polymer 'CESIUM ION'
3 non-polymer 'SODIUM ION'
4 non-polymer GLYCEROL
5 non-polymer 2,3-DIHYDROXY-1,4-DITHIOBUTANE
6 non-polymer BETA-MERCAPTOETHANOL
7 non-polymer 'CHLORIDE ION'
8 water water
#
_entity_poly.entity_id   1
_entity_poly.type   'polypeptide(L)'
_entity_poly.pdbx_seq_one_letter_code
;GSSPSLEQDDGDEETSVVIVGKISFCPKDVLGHGAEGTIVYRGMFDNRDVAVKRILPECFSFADREVQLLRESDEHPNVI
RYFCTEKDRQFQYIAIELCAATLQEYVEQKDFAHLGLEPITLLQQTTSGLAHLHSLNIVHRDLKPHNILISMPNAHGKIK
AMISDFGLCKKLAVGRHSFSRRSGVPGTEGWIAPEMLSEDCKENPTYTVDIFSAGCVFYYVISEGSHPFGKSLQRQANIL
LGACSLDCLHPEKHEDVIARELIEKMIAMDPQKRPSAKHVLKHPFFWSLEKQLQFFQDVSDRIEKESLDGPIVKQLERGG
RAVVKMDWRENITVPLQTDLRKFRTYKGGSVRDLLRAMRNKKHHYRELPAEVRETLGSLPDDFVCYFTSRFPHLLAHTYR
AMELCSHERLFQPYYFHEPPEPQPPVTPDAL
;
_entity_poly.pdbx_strand_id   A
#
loop_
_chem_comp.id
_chem_comp.type
_chem_comp.name
_chem_comp.formula
BME non-polymer BETA-MERCAPTOETHANOL 'C2 H6 O S'
CL non-polymer 'CHLORIDE ION' 'Cl -1'
CS non-polymer 'CESIUM ION' 'Cs 1'
DTT non-polymer 2,3-DIHYDROXY-1,4-DITHIOBUTANE 'C4 H10 O2 S2'
GOL non-polymer GLYCEROL 'C3 H8 O3'
NA non-polymer 'SODIUM ION' 'Na 1'
#
# COMPACT_ATOMS: atom_id res chain seq x y z
N SER A 16 -34.02 -7.19 -25.65
CA SER A 16 -32.98 -8.01 -25.05
C SER A 16 -31.76 -8.09 -25.97
N VAL A 17 -30.62 -8.51 -25.39
CA VAL A 17 -29.39 -8.78 -26.13
C VAL A 17 -29.14 -7.72 -27.20
N VAL A 18 -29.14 -6.46 -26.79
CA VAL A 18 -28.87 -5.37 -27.71
C VAL A 18 -27.49 -5.62 -28.25
N ILE A 19 -27.30 -5.39 -29.55
CA ILE A 19 -26.05 -5.63 -30.26
C ILE A 19 -25.58 -4.25 -30.73
N VAL A 20 -24.28 -4.01 -30.60
CA VAL A 20 -23.68 -2.73 -30.92
C VAL A 20 -22.52 -3.09 -31.83
N GLY A 21 -21.92 -2.10 -32.47
CA GLY A 21 -20.92 -2.43 -33.46
C GLY A 21 -19.65 -2.81 -32.73
N LYS A 22 -19.41 -4.12 -32.75
CA LYS A 22 -18.25 -4.72 -32.11
C LYS A 22 -18.45 -4.95 -30.62
N ILE A 23 -19.60 -4.54 -30.09
CA ILE A 23 -19.89 -4.81 -28.66
C ILE A 23 -21.35 -5.22 -28.67
N SER A 24 -21.73 -6.31 -28.01
CA SER A 24 -23.13 -6.75 -27.89
C SER A 24 -23.37 -6.90 -26.40
N PHE A 25 -24.44 -6.38 -25.78
CA PHE A 25 -24.71 -6.70 -24.36
C PHE A 25 -26.19 -6.95 -24.06
N CYS A 26 -26.57 -7.80 -23.12
CA CYS A 26 -28.00 -7.93 -22.89
C CYS A 26 -28.37 -7.11 -21.65
N PRO A 27 -29.31 -6.17 -21.74
CA PRO A 27 -29.73 -5.41 -20.55
C PRO A 27 -30.24 -6.30 -19.43
N LYS A 28 -30.41 -7.60 -19.67
CA LYS A 28 -30.77 -8.50 -18.58
C LYS A 28 -29.71 -8.48 -17.48
N ASP A 29 -28.45 -8.64 -17.88
CA ASP A 29 -27.34 -8.61 -16.92
C ASP A 29 -26.96 -7.15 -16.67
N VAL A 30 -27.33 -6.64 -15.49
CA VAL A 30 -26.88 -5.33 -15.04
C VAL A 30 -25.83 -5.54 -13.97
N LEU A 31 -24.72 -4.82 -14.09
CA LEU A 31 -23.60 -4.95 -13.16
C LEU A 31 -23.53 -3.78 -12.17
N GLY A 32 -23.65 -2.55 -12.66
CA GLY A 32 -23.48 -1.40 -11.78
C GLY A 32 -24.26 -0.20 -12.25
N HIS A 33 -24.50 0.71 -11.32
CA HIS A 33 -25.32 1.90 -11.58
C HIS A 33 -24.70 3.11 -10.90
N GLY A 37 -24.69 9.52 -12.93
CA GLY A 37 -25.57 8.36 -12.99
C GLY A 37 -25.42 7.55 -14.26
N THR A 38 -24.83 6.37 -14.16
CA THR A 38 -24.64 5.48 -15.30
C THR A 38 -24.85 4.04 -14.87
N ILE A 39 -25.18 3.19 -15.83
CA ILE A 39 -25.45 1.77 -15.61
C ILE A 39 -24.46 0.96 -16.42
N VAL A 40 -23.93 -0.11 -15.80
CA VAL A 40 -22.97 -0.99 -16.44
C VAL A 40 -23.56 -2.38 -16.54
N TYR A 41 -23.21 -3.09 -17.61
CA TYR A 41 -23.77 -4.39 -17.90
C TYR A 41 -22.67 -5.36 -18.32
N ARG A 42 -22.93 -6.64 -18.07
CA ARG A 42 -22.06 -7.70 -18.59
C ARG A 42 -22.38 -7.91 -20.05
N GLY A 43 -21.35 -8.08 -20.85
CA GLY A 43 -21.52 -8.24 -22.28
C GLY A 43 -20.33 -8.93 -22.87
N MET A 44 -20.11 -8.68 -24.16
CA MET A 44 -19.04 -9.35 -24.88
C MET A 44 -18.55 -8.46 -26.00
N PHE A 45 -17.23 -8.46 -26.19
CA PHE A 45 -16.58 -7.78 -27.30
C PHE A 45 -15.60 -8.73 -27.95
N ASP A 46 -15.70 -8.88 -29.27
CA ASP A 46 -14.79 -9.70 -30.07
C ASP A 46 -14.43 -10.99 -29.35
N ASN A 47 -15.46 -11.75 -28.98
CA ASN A 47 -15.31 -13.05 -28.32
C ASN A 47 -14.68 -12.92 -26.93
N ARG A 48 -14.75 -11.74 -26.34
CA ARG A 48 -14.18 -11.46 -25.02
C ARG A 48 -15.29 -11.10 -24.05
N ASP A 49 -15.21 -11.65 -22.85
CA ASP A 49 -16.11 -11.24 -21.78
C ASP A 49 -15.63 -9.90 -21.23
N VAL A 50 -16.51 -8.89 -21.29
CA VAL A 50 -16.14 -7.53 -20.91
C VAL A 50 -17.34 -6.85 -20.29
N ALA A 51 -17.06 -5.82 -19.50
CA ALA A 51 -18.10 -4.96 -18.95
C ALA A 51 -18.35 -3.80 -19.92
N VAL A 52 -19.57 -3.29 -19.90
CA VAL A 52 -20.00 -2.27 -20.84
C VAL A 52 -20.56 -1.07 -20.09
N LYS A 53 -20.20 0.12 -20.55
CA LYS A 53 -20.54 1.38 -19.88
C LYS A 53 -21.36 2.24 -20.84
N ARG A 54 -22.49 2.75 -20.34
CA ARG A 54 -23.32 3.71 -21.07
C ARG A 54 -23.42 4.99 -20.24
N ILE A 55 -23.21 6.14 -20.89
CA ILE A 55 -23.14 7.42 -20.19
C ILE A 55 -24.15 8.38 -20.80
N LEU A 56 -24.62 9.32 -19.97
CA LEU A 56 -25.56 10.33 -20.42
C LEU A 56 -24.84 11.34 -21.30
N PRO A 57 -25.59 12.23 -21.97
CA PRO A 57 -24.93 13.28 -22.76
C PRO A 57 -23.98 14.13 -21.93
N GLU A 58 -24.43 14.60 -20.76
CA GLU A 58 -23.54 15.33 -19.86
C GLU A 58 -22.36 14.47 -19.45
N CYS A 59 -22.57 13.16 -19.31
CA CYS A 59 -21.45 12.26 -19.04
C CYS A 59 -20.60 12.04 -20.29
N PHE A 60 -21.19 12.23 -21.48
CA PHE A 60 -20.48 11.96 -22.73
C PHE A 60 -19.15 12.71 -22.81
N SER A 61 -19.02 13.82 -22.09
CA SER A 61 -17.75 14.56 -22.10
C SER A 61 -16.72 13.90 -21.20
N PHE A 62 -17.12 13.50 -19.99
CA PHE A 62 -16.19 12.83 -19.10
C PHE A 62 -15.72 11.50 -19.69
N ALA A 63 -16.54 10.89 -20.55
CA ALA A 63 -16.16 9.60 -21.14
C ALA A 63 -14.96 9.76 -22.07
N ASP A 64 -14.93 10.84 -22.85
CA ASP A 64 -13.80 11.05 -23.76
C ASP A 64 -12.51 11.28 -23.00
N ARG A 65 -12.59 11.97 -21.86
CA ARG A 65 -11.41 12.08 -20.99
C ARG A 65 -10.95 10.70 -20.52
N GLU A 66 -11.86 9.93 -19.91
CA GLU A 66 -11.46 8.62 -19.38
C GLU A 66 -10.85 7.75 -20.47
N VAL A 67 -11.53 7.64 -21.60
CA VAL A 67 -11.08 6.73 -22.65
C VAL A 67 -9.68 7.15 -23.09
N GLN A 68 -9.48 8.44 -23.38
CA GLN A 68 -8.15 8.92 -23.73
C GLN A 68 -7.06 8.36 -22.81
N LEU A 69 -7.25 8.49 -21.50
CA LEU A 69 -6.21 8.09 -20.56
C LEU A 69 -6.04 6.58 -20.49
N LEU A 70 -7.10 5.82 -20.76
CA LEU A 70 -6.96 4.37 -20.70
C LEU A 70 -6.12 3.86 -21.86
N ARG A 71 -6.30 4.43 -23.05
CA ARG A 71 -5.39 4.12 -24.15
C ARG A 71 -3.95 4.40 -23.75
N GLU A 72 -3.74 5.41 -22.90
CA GLU A 72 -2.42 5.90 -22.56
C GLU A 72 -1.77 5.07 -21.46
N SER A 73 -2.55 4.57 -20.51
CA SER A 73 -2.00 3.96 -19.31
C SER A 73 -2.48 2.55 -19.04
N ASP A 74 -3.23 1.96 -19.96
CA ASP A 74 -3.74 0.62 -19.69
C ASP A 74 -2.72 -0.49 -19.79
N GLU A 75 -1.56 -0.23 -20.39
CA GLU A 75 -0.57 -1.30 -20.53
C GLU A 75 -0.21 -1.91 -19.17
N HIS A 76 -0.23 -1.12 -18.12
CA HIS A 76 0.16 -1.62 -16.81
C HIS A 76 -0.86 -2.65 -16.30
N PRO A 77 -0.40 -3.79 -15.76
CA PRO A 77 -1.35 -4.83 -15.33
C PRO A 77 -2.35 -4.37 -14.31
N ASN A 78 -2.04 -3.34 -13.54
CA ASN A 78 -2.89 -2.90 -12.45
C ASN A 78 -3.66 -1.63 -12.80
N VAL A 79 -3.73 -1.29 -14.08
CA VAL A 79 -4.71 -0.35 -14.62
C VAL A 79 -5.68 -1.16 -15.48
N ILE A 80 -6.97 -0.94 -15.25
CA ILE A 80 -7.95 -1.77 -15.92
C ILE A 80 -7.80 -1.68 -17.43
N ARG A 81 -7.91 -2.82 -18.10
CA ARG A 81 -7.73 -2.86 -19.55
C ARG A 81 -8.96 -2.30 -20.25
N TYR A 82 -8.73 -1.46 -21.25
CA TYR A 82 -9.78 -0.83 -22.04
C TYR A 82 -9.78 -1.44 -23.43
N PHE A 83 -10.94 -1.93 -23.86
CA PHE A 83 -11.06 -2.69 -25.09
C PHE A 83 -11.53 -1.88 -26.29
N CYS A 84 -12.52 -1.00 -26.09
CA CYS A 84 -13.09 -0.32 -27.25
C CYS A 84 -14.27 0.55 -26.80
N THR A 85 -14.57 1.52 -27.64
CA THR A 85 -15.79 2.30 -27.52
C THR A 85 -16.48 2.31 -28.87
N GLU A 86 -17.76 1.98 -28.90
CA GLU A 86 -18.55 1.99 -30.14
C GLU A 86 -19.95 2.54 -29.94
N ARG A 89 -26.21 4.04 -30.48
CA ARG A 89 -25.66 5.12 -31.29
C ARG A 89 -26.13 6.48 -30.77
N GLN A 90 -27.25 6.47 -30.03
CA GLN A 90 -27.73 7.72 -29.44
C GLN A 90 -26.83 8.17 -28.29
N PHE A 91 -26.33 7.22 -27.50
CA PHE A 91 -25.45 7.51 -26.38
C PHE A 91 -24.06 6.93 -26.65
N GLN A 92 -23.20 6.98 -25.64
CA GLN A 92 -21.84 6.48 -25.72
C GLN A 92 -21.68 5.21 -24.92
N TYR A 93 -20.93 4.25 -25.46
CA TYR A 93 -20.69 2.97 -24.81
C TYR A 93 -19.18 2.78 -24.60
N ILE A 94 -18.82 2.11 -23.50
CA ILE A 94 -17.43 1.89 -23.14
C ILE A 94 -17.27 0.46 -22.63
N ALA A 95 -16.47 -0.33 -23.35
CA ALA A 95 -16.14 -1.69 -22.94
C ALA A 95 -14.81 -1.70 -22.22
N ILE A 96 -14.73 -2.47 -21.12
CA ILE A 96 -13.52 -2.58 -20.32
C ILE A 96 -13.40 -4.01 -19.82
N GLU A 97 -12.28 -4.29 -19.16
CA GLU A 97 -12.06 -5.60 -18.57
C GLU A 97 -13.16 -5.93 -17.58
N LEU A 98 -13.68 -7.15 -17.66
CA LEU A 98 -14.71 -7.62 -16.74
C LEU A 98 -14.09 -8.08 -15.44
N CYS A 99 -14.62 -7.62 -14.32
CA CYS A 99 -14.03 -7.92 -13.03
C CYS A 99 -14.99 -8.72 -12.16
N ALA A 100 -14.42 -9.38 -11.15
CA ALA A 100 -15.20 -10.19 -10.23
C ALA A 100 -15.91 -9.35 -9.18
N ALA A 101 -15.33 -8.23 -8.76
CA ALA A 101 -15.91 -7.40 -7.71
C ALA A 101 -15.04 -6.18 -7.49
N THR A 102 -15.62 -5.20 -6.78
CA THR A 102 -14.85 -4.05 -6.34
C THR A 102 -14.09 -4.39 -5.06
N LEU A 103 -13.15 -3.53 -4.69
CA LEU A 103 -12.46 -3.74 -3.43
C LEU A 103 -13.42 -3.65 -2.25
N GLN A 104 -14.47 -2.83 -2.38
CA GLN A 104 -15.43 -2.71 -1.30
C GLN A 104 -16.18 -4.03 -1.08
N GLU A 105 -16.74 -4.60 -2.15
CA GLU A 105 -17.40 -5.89 -2.01
C GLU A 105 -16.43 -6.95 -1.49
N TYR A 106 -15.15 -6.86 -1.86
CA TYR A 106 -14.15 -7.81 -1.38
C TYR A 106 -14.01 -7.72 0.14
N VAL A 107 -13.82 -6.51 0.66
CA VAL A 107 -13.63 -6.34 2.10
C VAL A 107 -14.88 -6.71 2.86
N GLU A 108 -16.07 -6.43 2.30
CA GLU A 108 -17.31 -6.64 3.03
C GLU A 108 -17.76 -8.10 3.05
N GLN A 109 -17.47 -8.86 2.01
CA GLN A 109 -18.12 -10.16 1.78
C GLN A 109 -17.13 -11.32 1.72
N LYS A 110 -16.01 -11.22 2.43
CA LYS A 110 -14.96 -12.24 2.30
C LYS A 110 -14.25 -12.48 3.62
N ASP A 111 -14.13 -13.76 4.00
CA ASP A 111 -13.42 -14.15 5.21
C ASP A 111 -11.92 -14.13 4.93
N PHE A 112 -11.21 -13.18 5.53
CA PHE A 112 -9.77 -13.11 5.31
C PHE A 112 -9.03 -14.32 5.89
N ALA A 113 -9.66 -15.07 6.80
CA ALA A 113 -8.98 -16.21 7.40
C ALA A 113 -8.53 -17.21 6.34
N HIS A 114 -9.24 -17.25 5.22
CA HIS A 114 -8.93 -18.19 4.15
C HIS A 114 -8.05 -17.58 3.06
N LEU A 115 -7.85 -16.27 3.06
CA LEU A 115 -7.21 -15.60 1.93
C LEU A 115 -5.72 -15.35 2.16
N GLY A 116 -5.25 -15.42 3.40
CA GLY A 116 -3.81 -15.27 3.66
C GLY A 116 -3.33 -13.86 3.37
N LEU A 117 -2.12 -13.76 2.78
CA LEU A 117 -1.50 -12.47 2.49
C LEU A 117 -2.04 -11.84 1.21
N GLU A 118 -3.11 -12.38 0.65
CA GLU A 118 -3.69 -11.80 -0.57
C GLU A 118 -4.16 -10.36 -0.39
N PRO A 119 -4.76 -9.97 0.72
CA PRO A 119 -5.12 -8.54 0.86
C PRO A 119 -3.92 -7.62 0.74
N ILE A 120 -2.81 -7.92 1.41
CA ILE A 120 -1.62 -7.10 1.26
C ILE A 120 -1.22 -7.01 -0.21
N THR A 121 -1.19 -8.16 -0.90
CA THR A 121 -0.86 -8.17 -2.32
C THR A 121 -1.75 -7.22 -3.11
N LEU A 122 -3.06 -7.22 -2.81
CA LEU A 122 -3.98 -6.33 -3.53
C LEU A 122 -3.62 -4.87 -3.28
N LEU A 123 -3.13 -4.55 -2.08
CA LEU A 123 -2.69 -3.17 -1.82
C LEU A 123 -1.43 -2.87 -2.60
N GLN A 124 -0.50 -3.82 -2.65
CA GLN A 124 0.73 -3.63 -3.42
C GLN A 124 0.44 -3.41 -4.90
N GLN A 125 -0.36 -4.29 -5.50
CA GLN A 125 -0.74 -4.11 -6.90
C GLN A 125 -1.37 -2.74 -7.12
N THR A 126 -2.35 -2.40 -6.28
CA THR A 126 -2.99 -1.09 -6.39
C THR A 126 -1.96 0.02 -6.35
N THR A 127 -0.96 -0.10 -5.48
CA THR A 127 0.07 0.92 -5.41
C THR A 127 0.90 0.94 -6.70
N SER A 128 1.24 -0.23 -7.22
CA SER A 128 1.94 -0.29 -8.50
C SER A 128 1.18 0.47 -9.58
N GLY A 129 -0.13 0.27 -9.65
CA GLY A 129 -0.91 0.93 -10.69
C GLY A 129 -0.93 2.43 -10.52
N LEU A 130 -0.98 2.89 -9.27
CA LEU A 130 -0.96 4.32 -8.99
C LEU A 130 0.36 4.95 -9.39
N ALA A 131 1.47 4.26 -9.08
CA ALA A 131 2.79 4.75 -9.46
C ALA A 131 2.97 4.74 -10.97
N HIS A 132 2.36 3.79 -11.66
CA HIS A 132 2.32 3.87 -13.12
C HIS A 132 1.65 5.16 -13.55
N LEU A 133 0.47 5.44 -13.00
CA LEU A 133 -0.27 6.66 -13.34
C LEU A 133 0.55 7.90 -13.03
N HIS A 134 1.12 8.00 -11.82
CA HIS A 134 1.85 9.20 -11.46
C HIS A 134 3.03 9.42 -12.39
N SER A 135 3.72 8.34 -12.78
CA SER A 135 4.84 8.47 -13.70
C SER A 135 4.41 9.00 -15.06
N LEU A 136 3.13 8.91 -15.38
CA LEU A 136 2.62 9.43 -16.63
C LEU A 136 2.10 10.85 -16.47
N ASN A 137 2.29 11.43 -15.30
CA ASN A 137 1.77 12.75 -14.98
C ASN A 137 0.26 12.75 -14.85
N ILE A 138 -0.32 11.66 -14.34
CA ILE A 138 -1.77 11.53 -14.17
C ILE A 138 -2.06 11.43 -12.68
N VAL A 139 -2.82 12.39 -12.17
CA VAL A 139 -3.36 12.29 -10.81
C VAL A 139 -4.78 11.73 -10.92
N HIS A 140 -5.05 10.67 -10.15
CA HIS A 140 -6.34 10.01 -10.21
C HIS A 140 -7.44 10.88 -9.60
N ARG A 141 -7.23 11.36 -8.38
CA ARG A 141 -8.06 12.35 -7.70
C ARG A 141 -9.31 11.77 -7.05
N ASP A 142 -9.62 10.47 -7.23
CA ASP A 142 -10.85 9.91 -6.69
C ASP A 142 -10.73 8.46 -6.26
N LEU A 143 -9.55 8.03 -5.81
CA LEU A 143 -9.33 6.64 -5.43
C LEU A 143 -10.14 6.29 -4.19
N LYS A 144 -10.81 5.14 -4.24
CA LYS A 144 -11.63 4.64 -3.15
C LYS A 144 -11.86 3.14 -3.38
N PRO A 145 -12.28 2.42 -2.34
CA PRO A 145 -12.44 0.96 -2.49
C PRO A 145 -13.40 0.57 -3.59
N HIS A 146 -14.46 1.35 -3.79
CA HIS A 146 -15.40 1.08 -4.88
C HIS A 146 -14.76 1.27 -6.25
N ASN A 147 -13.66 2.02 -6.33
CA ASN A 147 -13.00 2.26 -7.61
C ASN A 147 -12.02 1.15 -7.98
N ILE A 148 -11.50 0.46 -6.99
CA ILE A 148 -10.49 -0.56 -7.20
C ILE A 148 -11.18 -1.89 -7.46
N LEU A 149 -10.86 -2.52 -8.58
CA LEU A 149 -11.53 -3.71 -9.04
C LEU A 149 -10.66 -4.94 -8.85
N ILE A 150 -11.30 -6.07 -8.58
CA ILE A 150 -10.64 -7.36 -8.44
C ILE A 150 -10.85 -8.15 -9.72
N SER A 151 -9.78 -8.69 -10.28
CA SER A 151 -9.89 -9.40 -11.55
C SER A 151 -10.50 -10.77 -11.37
N MET A 152 -11.13 -11.26 -12.43
CA MET A 152 -11.45 -12.67 -12.55
C MET A 152 -10.15 -13.47 -12.46
N PRO A 153 -10.20 -14.69 -11.91
CA PRO A 153 -9.00 -15.50 -11.83
C PRO A 153 -8.46 -15.81 -13.22
N ASN A 154 -7.13 -15.78 -13.35
CA ASN A 154 -6.52 -16.12 -14.63
C ASN A 154 -6.48 -17.63 -14.77
N ALA A 155 -5.69 -18.12 -15.73
CA ALA A 155 -5.62 -19.56 -15.99
C ALA A 155 -5.09 -20.31 -14.78
N HIS A 156 -4.33 -19.64 -13.91
CA HIS A 156 -3.75 -20.25 -12.74
C HIS A 156 -4.51 -19.91 -11.47
N GLY A 157 -5.73 -19.40 -11.59
CA GLY A 157 -6.51 -19.02 -10.42
C GLY A 157 -5.98 -17.83 -9.67
N LYS A 158 -5.01 -17.11 -10.22
CA LYS A 158 -4.52 -15.89 -9.61
C LYS A 158 -5.44 -14.72 -9.98
N ILE A 159 -5.53 -13.75 -9.07
CA ILE A 159 -6.32 -12.55 -9.29
C ILE A 159 -5.46 -11.32 -8.99
N LYS A 160 -5.96 -10.16 -9.42
CA LYS A 160 -5.26 -8.89 -9.21
C LYS A 160 -6.27 -7.77 -9.01
N ALA A 161 -5.78 -6.67 -8.43
CA ALA A 161 -6.51 -5.41 -8.34
C ALA A 161 -6.18 -4.50 -9.52
N MET A 162 -7.09 -3.60 -9.84
CA MET A 162 -6.89 -2.66 -10.94
C MET A 162 -7.58 -1.35 -10.63
N ILE A 163 -6.96 -0.25 -11.04
CA ILE A 163 -7.55 1.07 -10.91
C ILE A 163 -8.53 1.30 -12.06
N SER A 164 -9.62 2.00 -11.77
CA SER A 164 -10.58 2.38 -12.80
C SER A 164 -11.15 3.75 -12.49
N ASP A 165 -12.14 4.15 -13.28
CA ASP A 165 -12.81 5.42 -13.08
C ASP A 165 -11.81 6.56 -13.18
N PHE A 166 -11.43 6.92 -14.41
CA PHE A 166 -10.56 8.05 -14.68
C PHE A 166 -11.35 9.33 -14.96
N GLY A 167 -12.65 9.35 -14.63
CA GLY A 167 -13.47 10.50 -14.92
C GLY A 167 -12.92 11.78 -14.32
N LEU A 168 -12.44 11.69 -13.08
CA LEU A 168 -11.89 12.86 -12.39
C LEU A 168 -10.37 12.97 -12.53
N CYS A 169 -9.74 12.11 -13.33
CA CYS A 169 -8.31 12.19 -13.53
C CYS A 169 -7.91 13.54 -14.10
N LYS A 170 -6.76 14.04 -13.68
CA LYS A 170 -6.13 15.18 -14.34
C LYS A 170 -4.73 14.78 -14.77
N LYS A 171 -4.30 15.33 -15.90
CA LYS A 171 -2.97 15.08 -16.43
C LYS A 171 -2.19 16.39 -16.35
N LEU A 172 -1.13 16.40 -15.57
CA LEU A 172 -0.37 17.62 -15.35
C LEU A 172 0.61 17.84 -16.50
N ALA A 173 0.69 19.07 -16.97
CA ALA A 173 1.71 19.41 -17.94
C ALA A 173 3.09 19.06 -17.40
N VAL A 174 4.03 18.85 -18.32
CA VAL A 174 5.38 18.47 -17.92
C VAL A 174 5.96 19.55 -17.01
N GLY A 175 6.67 19.12 -15.97
CA GLY A 175 7.27 20.06 -15.04
C GLY A 175 6.28 20.82 -14.17
N ARG A 176 5.07 20.29 -14.03
CA ARG A 176 4.09 20.93 -13.19
C ARG A 176 3.94 20.09 -11.94
N HIS A 177 3.95 20.75 -10.78
CA HIS A 177 3.89 20.04 -9.52
C HIS A 177 2.47 19.83 -9.02
N SER A 178 1.54 20.72 -9.39
CA SER A 178 0.22 20.72 -8.78
C SER A 178 -0.83 21.05 -9.82
N PHE A 179 -2.07 21.26 -9.35
CA PHE A 179 -3.17 21.63 -10.21
C PHE A 179 -4.18 22.43 -9.40
N SER A 180 -5.01 23.20 -10.10
CA SER A 180 -6.02 24.01 -9.43
C SER A 180 -7.08 23.11 -8.81
N ARG A 181 -7.42 23.37 -7.55
CA ARG A 181 -8.50 22.63 -6.91
C ARG A 181 -9.85 23.05 -7.47
N ARG A 182 -10.02 24.35 -7.72
CA ARG A 182 -11.25 24.82 -8.35
C ARG A 182 -11.29 24.41 -9.81
N SER A 183 -12.46 24.56 -10.42
CA SER A 183 -12.75 24.14 -11.79
C SER A 183 -12.64 22.63 -11.98
N GLY A 184 -12.38 21.87 -10.91
CA GLY A 184 -12.38 20.43 -10.97
C GLY A 184 -13.21 19.83 -9.85
N VAL A 185 -14.16 18.96 -10.20
CA VAL A 185 -15.05 18.38 -9.18
C VAL A 185 -14.23 17.50 -8.25
N PRO A 186 -14.35 17.67 -6.93
CA PRO A 186 -13.67 16.77 -6.00
C PRO A 186 -14.35 15.42 -5.95
N GLY A 187 -13.61 14.41 -5.51
CA GLY A 187 -14.19 13.10 -5.27
C GLY A 187 -15.36 13.20 -4.29
N THR A 188 -16.00 12.06 -4.05
CA THR A 188 -17.13 12.08 -3.13
C THR A 188 -16.61 11.91 -1.71
N GLU A 189 -17.38 12.46 -0.76
CA GLU A 189 -16.91 12.65 0.61
C GLU A 189 -16.34 11.35 1.19
N GLY A 190 -15.39 11.49 2.11
CA GLY A 190 -14.85 10.39 2.87
C GLY A 190 -13.42 10.02 2.51
N TRP A 191 -12.99 10.28 1.28
CA TRP A 191 -11.68 9.85 0.82
C TRP A 191 -10.83 10.99 0.26
N ILE A 192 -11.29 12.22 0.44
CA ILE A 192 -10.64 13.37 -0.17
C ILE A 192 -9.61 14.00 0.75
N ALA A 193 -8.41 14.28 0.23
CA ALA A 193 -7.39 14.90 1.04
C ALA A 193 -7.83 16.29 1.48
N PRO A 194 -7.39 16.74 2.66
CA PRO A 194 -7.83 18.07 3.13
C PRO A 194 -7.46 19.21 2.19
N GLU A 195 -6.36 19.09 1.43
CA GLU A 195 -5.98 20.17 0.51
C GLU A 195 -7.02 20.41 -0.56
N MET A 196 -7.87 19.41 -0.83
CA MET A 196 -8.87 19.55 -1.88
C MET A 196 -10.03 20.42 -1.46
N LEU A 197 -10.33 20.46 -0.16
CA LEU A 197 -11.54 21.07 0.35
C LEU A 197 -11.28 22.36 1.11
N SER A 198 -10.36 22.34 2.08
CA SER A 198 -10.22 23.45 3.01
C SER A 198 -10.02 24.77 2.27
N GLU A 199 -10.83 25.77 2.63
CA GLU A 199 -10.61 27.10 2.09
C GLU A 199 -9.30 27.68 2.60
N ASP A 200 -8.83 27.23 3.76
CA ASP A 200 -7.66 27.83 4.38
C ASP A 200 -6.37 27.49 3.64
N CYS A 201 -6.29 26.32 3.01
CA CYS A 201 -5.00 25.84 2.48
C CYS A 201 -4.57 26.69 1.29
N LYS A 202 -3.36 27.26 1.38
CA LYS A 202 -2.84 28.06 0.29
C LYS A 202 -2.22 27.19 -0.81
N GLU A 203 -1.45 26.19 -0.41
CA GLU A 203 -0.78 25.30 -1.36
C GLU A 203 -1.78 24.49 -2.17
N ASN A 204 -1.51 24.38 -3.47
CA ASN A 204 -2.39 23.65 -4.36
C ASN A 204 -2.18 22.15 -4.25
N PRO A 205 -3.19 21.36 -4.60
CA PRO A 205 -3.05 19.91 -4.53
C PRO A 205 -2.05 19.39 -5.55
N THR A 206 -1.35 18.33 -5.17
CA THR A 206 -0.37 17.65 -6.00
C THR A 206 -0.69 16.16 -6.04
N TYR A 207 0.26 15.34 -6.50
CA TYR A 207 0.02 13.91 -6.58
C TYR A 207 -0.29 13.30 -5.21
N THR A 208 0.21 13.89 -4.13
CA THR A 208 0.02 13.29 -2.81
C THR A 208 -1.45 13.14 -2.46
N VAL A 209 -2.34 13.88 -3.13
CA VAL A 209 -3.78 13.67 -2.95
C VAL A 209 -4.12 12.19 -3.03
N ASP A 210 -3.58 11.49 -4.03
CA ASP A 210 -3.88 10.06 -4.17
C ASP A 210 -3.26 9.23 -3.05
N ILE A 211 -2.13 9.68 -2.48
CA ILE A 211 -1.51 8.94 -1.38
C ILE A 211 -2.38 8.99 -0.13
N PHE A 212 -3.00 10.15 0.13
CA PHE A 212 -3.93 10.24 1.24
C PHE A 212 -5.09 9.26 1.07
N SER A 213 -5.75 9.32 -0.08
CA SER A 213 -6.80 8.35 -0.38
C SER A 213 -6.29 6.93 -0.20
N ALA A 214 -5.15 6.62 -0.81
CA ALA A 214 -4.60 5.27 -0.69
C ALA A 214 -4.36 4.89 0.77
N GLY A 215 -3.78 5.82 1.55
CA GLY A 215 -3.63 5.58 2.99
C GLY A 215 -4.93 5.14 3.63
N CYS A 216 -6.05 5.79 3.28
CA CYS A 216 -7.33 5.38 3.84
C CYS A 216 -7.73 4.00 3.34
N VAL A 217 -7.46 3.70 2.07
CA VAL A 217 -7.76 2.37 1.54
C VAL A 217 -6.90 1.31 2.22
N PHE A 218 -5.62 1.59 2.45
CA PHE A 218 -4.79 0.64 3.21
C PHE A 218 -5.46 0.26 4.52
N TYR A 219 -5.88 1.25 5.30
CA TYR A 219 -6.52 0.98 6.59
C TYR A 219 -7.86 0.26 6.38
N TYR A 220 -8.60 0.64 5.36
CA TYR A 220 -9.91 0.02 5.13
C TYR A 220 -9.78 -1.49 4.90
N VAL A 221 -8.69 -1.92 4.27
CA VAL A 221 -8.45 -3.34 4.00
C VAL A 221 -7.92 -4.07 5.23
N ILE A 222 -6.89 -3.52 5.89
CA ILE A 222 -6.29 -4.20 7.02
C ILE A 222 -7.30 -4.37 8.16
N SER A 223 -8.09 -3.34 8.44
CA SER A 223 -9.11 -3.40 9.48
C SER A 223 -10.39 -4.09 9.03
N GLU A 224 -10.42 -4.61 7.81
CA GLU A 224 -11.62 -5.26 7.30
C GLU A 224 -12.83 -4.34 7.40
N GLY A 225 -12.60 -3.04 7.21
CA GLY A 225 -13.70 -2.12 6.94
C GLY A 225 -13.82 -0.85 7.75
N SER A 226 -12.85 -0.54 8.60
CA SER A 226 -12.88 0.71 9.35
C SER A 226 -12.17 1.81 8.55
N HIS A 227 -12.10 3.02 9.12
CA HIS A 227 -11.57 4.18 8.40
C HIS A 227 -10.81 5.05 9.38
N PRO A 228 -9.67 5.63 8.97
CA PRO A 228 -8.92 6.45 9.93
C PRO A 228 -9.71 7.60 10.49
N PHE A 229 -10.63 8.17 9.71
CA PHE A 229 -11.33 9.38 10.07
C PHE A 229 -12.78 9.13 10.49
N GLY A 230 -13.05 7.94 11.01
CA GLY A 230 -14.32 7.67 11.64
C GLY A 230 -15.36 7.17 10.67
N LYS A 231 -16.58 7.09 11.19
CA LYS A 231 -17.67 6.49 10.42
C LYS A 231 -18.09 7.41 9.29
N SER A 232 -18.76 6.82 8.29
CA SER A 232 -18.93 7.51 7.02
C SER A 232 -19.58 8.88 7.19
N LEU A 233 -20.33 9.09 8.27
CA LEU A 233 -21.09 10.32 8.40
C LEU A 233 -20.18 11.52 8.64
N GLN A 234 -19.10 11.34 9.39
CA GLN A 234 -18.27 12.46 9.83
C GLN A 234 -16.86 12.42 9.24
N ARG A 235 -16.54 11.42 8.41
CA ARG A 235 -15.22 11.27 7.81
C ARG A 235 -14.66 12.56 7.24
N GLN A 236 -15.33 13.10 6.22
CA GLN A 236 -14.83 14.32 5.59
C GLN A 236 -14.68 15.43 6.61
N ALA A 237 -15.65 15.57 7.52
CA ALA A 237 -15.51 16.55 8.59
C ALA A 237 -14.27 16.27 9.42
N ASN A 238 -14.06 15.00 9.79
CA ASN A 238 -12.86 14.65 10.55
C ASN A 238 -11.58 14.83 9.74
N ILE A 239 -11.65 14.63 8.42
CA ILE A 239 -10.46 14.81 7.59
C ILE A 239 -9.96 16.24 7.68
N LEU A 240 -10.85 17.22 7.51
CA LEU A 240 -10.46 18.62 7.63
C LEU A 240 -9.96 18.94 9.04
N LEU A 241 -10.57 18.32 10.06
CA LEU A 241 -10.15 18.56 11.44
C LEU A 241 -8.79 17.95 11.75
N GLY A 242 -8.39 16.91 11.01
CA GLY A 242 -7.21 16.16 11.36
C GLY A 242 -7.43 15.16 12.48
N ALA A 243 -8.68 14.81 12.76
CA ALA A 243 -9.03 13.89 13.83
C ALA A 243 -9.13 12.49 13.23
N CYS A 244 -8.10 11.69 13.44
CA CYS A 244 -8.03 10.35 12.89
C CYS A 244 -7.49 9.41 13.95
N SER A 245 -7.96 8.17 13.93
CA SER A 245 -7.44 7.15 14.83
C SER A 245 -7.21 5.87 14.03
N LEU A 246 -6.21 5.11 14.46
CA LEU A 246 -5.95 3.81 13.86
C LEU A 246 -6.15 2.74 14.94
N ASP A 247 -7.32 2.74 15.56
CA ASP A 247 -7.55 1.90 16.73
C ASP A 247 -7.26 0.43 16.43
N CYS A 248 -7.51 -0.02 15.21
CA CYS A 248 -7.37 -1.43 14.88
C CYS A 248 -5.92 -1.91 14.90
N LEU A 249 -4.95 -1.01 14.86
CA LEU A 249 -3.55 -1.39 14.77
C LEU A 249 -2.98 -1.48 16.17
N HIS A 250 -2.66 -2.70 16.59
CA HIS A 250 -2.16 -2.93 17.94
C HIS A 250 -0.76 -2.34 18.10
N PRO A 251 -0.45 -1.79 19.28
CA PRO A 251 0.85 -1.13 19.47
C PRO A 251 2.01 -2.08 19.73
N GLU A 252 1.76 -3.38 19.87
CA GLU A 252 2.82 -4.34 20.18
C GLU A 252 2.77 -5.57 19.28
N LYS A 253 2.01 -5.52 18.18
CA LYS A 253 2.09 -6.51 17.11
C LYS A 253 3.00 -5.97 16.02
N HIS A 254 4.03 -6.73 15.69
CA HIS A 254 4.97 -6.30 14.65
C HIS A 254 4.27 -5.88 13.37
N GLU A 255 3.34 -6.71 12.87
CA GLU A 255 2.64 -6.36 11.63
C GLU A 255 1.90 -5.04 11.78
N ASP A 256 1.25 -4.83 12.93
CA ASP A 256 0.49 -3.59 13.11
C ASP A 256 1.41 -2.39 13.25
N VAL A 257 2.55 -2.54 13.94
CA VAL A 257 3.46 -1.42 14.09
C VAL A 257 3.95 -0.96 12.72
N ILE A 258 4.35 -1.91 11.87
CA ILE A 258 4.79 -1.55 10.52
C ILE A 258 3.69 -0.83 9.77
N ALA A 259 2.47 -1.39 9.78
CA ALA A 259 1.38 -0.80 9.01
C ALA A 259 1.08 0.62 9.47
N ARG A 260 1.06 0.84 10.78
CA ARG A 260 0.81 2.18 11.31
C ARG A 260 1.87 3.16 10.82
N GLU A 261 3.14 2.76 10.84
CA GLU A 261 4.22 3.66 10.44
C GLU A 261 4.02 4.16 9.02
N LEU A 262 3.59 3.28 8.12
CA LEU A 262 3.36 3.70 6.74
C LEU A 262 2.06 4.48 6.61
N ILE A 263 0.97 3.96 7.16
CA ILE A 263 -0.33 4.61 6.99
C ILE A 263 -0.32 5.99 7.63
N GLU A 264 0.33 6.14 8.78
CA GLU A 264 0.42 7.45 9.38
C GLU A 264 1.04 8.46 8.43
N LYS A 265 2.08 8.05 7.70
CA LYS A 265 2.71 8.95 6.73
C LYS A 265 1.76 9.24 5.57
N MET A 266 1.15 8.20 5.01
CA MET A 266 0.30 8.41 3.84
C MET A 266 -0.86 9.37 4.12
N ILE A 267 -1.49 9.28 5.30
CA ILE A 267 -2.65 10.11 5.59
C ILE A 267 -2.27 11.41 6.30
N ALA A 268 -0.98 11.76 6.32
CA ALA A 268 -0.56 12.99 6.98
C ALA A 268 -1.31 14.19 6.43
N MET A 269 -1.60 15.16 7.30
CA MET A 269 -2.28 16.37 6.87
C MET A 269 -1.36 17.24 6.00
N ASP A 270 -0.08 17.33 6.36
CA ASP A 270 0.86 18.02 5.50
C ASP A 270 1.11 17.19 4.26
N PRO A 271 0.66 17.61 3.08
CA PRO A 271 0.93 16.79 1.90
C PRO A 271 2.40 16.53 1.68
N GLN A 272 3.28 17.44 2.11
CA GLN A 272 4.70 17.24 1.81
C GLN A 272 5.28 16.08 2.61
N LYS A 273 4.64 15.69 3.71
CA LYS A 273 5.10 14.55 4.49
C LYS A 273 4.57 13.22 3.99
N ARG A 274 3.71 13.21 2.97
CA ARG A 274 3.21 11.91 2.52
C ARG A 274 4.22 11.26 1.57
N PRO A 275 4.40 9.94 1.66
CA PRO A 275 5.34 9.27 0.75
C PRO A 275 4.81 9.20 -0.66
N SER A 276 5.72 9.22 -1.63
CA SER A 276 5.32 8.93 -3.00
C SER A 276 4.98 7.46 -3.15
N ALA A 277 4.22 7.16 -4.20
CA ALA A 277 3.88 5.76 -4.46
C ALA A 277 5.13 4.89 -4.49
N LYS A 278 6.23 5.39 -5.08
CA LYS A 278 7.43 4.56 -5.14
C LYS A 278 8.04 4.37 -3.76
N HIS A 279 7.97 5.36 -2.87
CA HIS A 279 8.35 5.11 -1.48
C HIS A 279 7.47 4.02 -0.88
N VAL A 280 6.15 4.17 -1.03
CA VAL A 280 5.24 3.20 -0.44
C VAL A 280 5.63 1.78 -0.84
N LEU A 281 5.94 1.58 -2.13
CA LEU A 281 6.28 0.23 -2.59
C LEU A 281 7.55 -0.31 -1.95
N LYS A 282 8.49 0.57 -1.59
CA LYS A 282 9.71 0.13 -0.94
C LYS A 282 9.52 -0.18 0.53
N HIS A 283 8.34 0.11 1.09
CA HIS A 283 8.19 0.12 2.54
C HIS A 283 8.12 -1.30 3.11
N PRO A 284 8.65 -1.50 4.32
CA PRO A 284 8.67 -2.85 4.90
C PRO A 284 7.30 -3.50 4.94
N PHE A 285 6.26 -2.66 4.90
CA PHE A 285 4.89 -3.17 4.89
C PHE A 285 4.70 -4.26 3.85
N PHE A 286 5.46 -4.21 2.75
CA PHE A 286 5.33 -5.20 1.68
C PHE A 286 6.46 -6.25 1.67
N TRP A 287 7.33 -6.28 2.68
CA TRP A 287 8.46 -7.19 2.67
C TRP A 287 8.06 -8.58 3.14
N SER A 288 8.57 -9.60 2.44
CA SER A 288 8.46 -10.96 2.91
C SER A 288 9.29 -11.12 4.17
N LEU A 289 8.92 -12.10 4.99
CA LEU A 289 9.75 -12.38 6.17
C LEU A 289 11.20 -12.57 5.76
N GLU A 290 11.44 -13.28 4.66
CA GLU A 290 12.80 -13.45 4.18
C GLU A 290 13.50 -12.10 4.04
N LYS A 291 12.88 -11.17 3.32
CA LYS A 291 13.50 -9.87 3.11
C LYS A 291 13.71 -9.12 4.42
N GLN A 292 12.77 -9.24 5.36
CA GLN A 292 12.95 -8.61 6.66
C GLN A 292 14.24 -9.10 7.31
N LEU A 293 14.43 -10.42 7.33
CA LEU A 293 15.64 -10.98 7.89
C LEU A 293 16.87 -10.51 7.13
N GLN A 294 16.75 -10.33 5.81
CA GLN A 294 17.89 -9.81 5.05
C GLN A 294 18.22 -8.38 5.47
N PHE A 295 17.20 -7.52 5.60
CA PHE A 295 17.45 -6.16 6.05
C PHE A 295 18.18 -6.16 7.38
N PHE A 296 17.67 -6.91 8.36
CA PHE A 296 18.36 -7.02 9.64
C PHE A 296 19.82 -7.40 9.45
N GLN A 297 20.10 -8.33 8.54
CA GLN A 297 21.47 -8.77 8.33
C GLN A 297 22.30 -7.70 7.64
N ASP A 298 21.77 -7.06 6.60
CA ASP A 298 22.52 -5.99 5.96
C ASP A 298 22.79 -4.85 6.94
N VAL A 299 21.81 -4.51 7.78
CA VAL A 299 22.05 -3.48 8.80
C VAL A 299 23.18 -3.90 9.72
N SER A 300 23.10 -5.12 10.26
CA SER A 300 24.10 -5.59 11.21
C SER A 300 25.49 -5.60 10.58
N ASP A 301 25.61 -6.11 9.36
CA ASP A 301 26.88 -6.00 8.64
C ASP A 301 27.29 -4.55 8.48
N ARG A 302 26.36 -3.68 8.10
CA ARG A 302 26.71 -2.29 7.81
C ARG A 302 27.31 -1.59 9.02
N ILE A 303 26.79 -1.88 10.21
CA ILE A 303 27.18 -1.16 11.42
C ILE A 303 28.18 -1.95 12.26
N GLU A 304 28.67 -3.08 11.76
CA GLU A 304 29.59 -3.89 12.55
C GLU A 304 30.86 -3.12 12.91
N LYS A 305 31.41 -2.36 11.96
CA LYS A 305 32.62 -1.60 12.22
C LYS A 305 32.36 -0.11 12.37
N GLU A 306 31.10 0.27 12.60
CA GLU A 306 30.77 1.68 12.79
C GLU A 306 30.99 2.06 14.25
N SER A 307 31.58 3.23 14.47
CA SER A 307 31.92 3.65 15.82
C SER A 307 30.67 3.81 16.67
N LEU A 308 30.81 3.50 17.97
CA LEU A 308 29.70 3.69 18.90
C LEU A 308 29.33 5.16 19.01
N ASP A 309 30.32 6.04 19.05
CA ASP A 309 30.10 7.48 19.12
C ASP A 309 29.75 8.09 17.77
N GLY A 310 29.52 7.27 16.76
CA GLY A 310 29.25 7.76 15.42
C GLY A 310 27.79 8.14 15.23
N PRO A 311 27.50 8.81 14.11
CA PRO A 311 26.12 9.24 13.86
C PRO A 311 25.18 8.10 13.55
N ILE A 312 25.58 7.17 12.67
CA ILE A 312 24.70 6.05 12.34
C ILE A 312 24.34 5.26 13.58
N VAL A 313 25.34 4.98 14.42
CA VAL A 313 25.09 4.18 15.61
C VAL A 313 24.32 4.97 16.66
N LYS A 314 24.73 6.23 16.91
CA LYS A 314 23.98 7.09 17.82
C LYS A 314 22.49 7.06 17.49
N GLN A 315 22.16 7.23 16.22
CA GLN A 315 20.75 7.30 15.83
C GLN A 315 20.06 5.97 16.09
N LEU A 316 20.72 4.87 15.80
CA LEU A 316 20.10 3.56 16.01
C LEU A 316 19.81 3.31 17.49
N GLU A 317 20.59 3.93 18.39
CA GLU A 317 20.46 3.67 19.82
C GLU A 317 19.57 4.67 20.55
N ARG A 318 19.12 5.72 19.89
CA ARG A 318 18.24 6.68 20.55
C ARG A 318 16.85 6.09 20.70
N GLY A 319 16.32 6.16 21.93
CA GLY A 319 15.08 5.50 22.23
C GLY A 319 15.12 4.01 22.00
N GLY A 320 16.32 3.43 22.02
CA GLY A 320 16.47 2.01 21.78
C GLY A 320 16.20 1.15 23.01
N ARG A 321 16.48 1.70 24.19
CA ARG A 321 16.20 0.99 25.43
C ARG A 321 14.76 0.49 25.46
N ALA A 322 13.82 1.36 25.09
CA ALA A 322 12.43 0.91 24.98
C ALA A 322 12.29 -0.19 23.95
N VAL A 323 13.01 -0.08 22.83
CA VAL A 323 12.81 -1.00 21.71
C VAL A 323 13.18 -2.42 22.09
N VAL A 324 14.26 -2.60 22.85
CA VAL A 324 14.71 -3.93 23.23
C VAL A 324 14.16 -4.34 24.59
N LYS A 325 13.30 -3.53 25.20
CA LYS A 325 12.70 -3.85 26.49
C LYS A 325 13.75 -3.82 27.61
N MET A 326 14.61 -2.80 27.59
CA MET A 326 15.60 -2.61 28.65
C MET A 326 16.69 -3.68 28.61
N ASP A 327 16.30 -4.95 28.46
CA ASP A 327 17.27 -6.03 28.36
C ASP A 327 16.66 -7.13 27.49
N TRP A 328 17.07 -7.17 26.22
CA TRP A 328 16.57 -8.20 25.33
C TRP A 328 17.05 -9.59 25.72
N ARG A 329 18.17 -9.67 26.45
CA ARG A 329 18.62 -10.97 26.95
C ARG A 329 17.57 -11.60 27.86
N GLU A 330 16.83 -10.76 28.60
CA GLU A 330 15.83 -11.23 29.55
C GLU A 330 14.48 -11.52 28.90
N ASN A 331 14.36 -11.32 27.59
CA ASN A 331 13.11 -11.52 26.87
C ASN A 331 13.21 -12.55 25.75
N ILE A 332 14.24 -13.38 25.76
CA ILE A 332 14.37 -14.46 24.80
C ILE A 332 14.30 -15.79 25.54
N THR A 333 14.02 -16.85 24.79
CA THR A 333 13.86 -18.16 25.41
C THR A 333 15.17 -18.63 26.02
N VAL A 334 15.03 -19.46 27.07
CA VAL A 334 16.22 -19.97 27.77
C VAL A 334 17.18 -20.66 26.82
N PRO A 335 16.74 -21.45 25.83
CA PRO A 335 17.71 -22.09 24.92
C PRO A 335 18.68 -21.11 24.28
N LEU A 336 18.20 -19.95 23.83
CA LEU A 336 19.08 -18.97 23.20
C LEU A 336 19.88 -18.17 24.21
N GLN A 337 19.28 -17.83 25.35
CA GLN A 337 20.01 -17.10 26.38
C GLN A 337 21.19 -17.91 26.89
N THR A 338 21.07 -19.24 26.92
CA THR A 338 22.20 -20.08 27.32
C THR A 338 23.31 -20.04 26.27
N ASP A 339 22.92 -20.11 25.00
CA ASP A 339 23.87 -20.15 23.90
C ASP A 339 24.54 -18.80 23.64
N LEU A 340 24.19 -17.78 24.41
CA LEU A 340 24.74 -16.45 24.21
C LEU A 340 26.02 -16.23 25.01
N ARG A 344 28.84 -13.71 24.97
CA ARG A 344 29.97 -12.83 24.68
C ARG A 344 29.76 -11.43 25.26
N THR A 345 30.18 -10.41 24.52
CA THR A 345 30.14 -9.04 25.00
C THR A 345 28.78 -8.38 24.84
N TYR A 346 27.75 -9.12 24.43
CA TYR A 346 26.47 -8.53 24.07
C TYR A 346 25.87 -7.70 25.20
N LYS A 347 25.72 -6.39 24.97
CA LYS A 347 25.06 -5.50 25.90
C LYS A 347 23.56 -5.53 25.67
N GLY A 348 22.81 -5.88 26.71
CA GLY A 348 21.39 -6.14 26.58
C GLY A 348 20.49 -4.93 26.38
N GLY A 349 21.07 -3.74 26.29
CA GLY A 349 20.26 -2.56 26.06
C GLY A 349 20.50 -1.96 24.68
N SER A 350 21.46 -2.52 23.97
CA SER A 350 21.86 -2.03 22.66
C SER A 350 21.02 -2.71 21.57
N VAL A 351 20.36 -1.89 20.75
CA VAL A 351 19.72 -2.43 19.55
C VAL A 351 20.76 -3.06 18.64
N ARG A 352 21.91 -2.42 18.53
CA ARG A 352 22.96 -2.93 17.66
C ARG A 352 23.42 -4.31 18.10
N ASP A 353 23.58 -4.51 19.40
CA ASP A 353 23.98 -5.83 19.88
C ASP A 353 22.88 -6.86 19.68
N LEU A 354 21.62 -6.46 19.83
CA LEU A 354 20.54 -7.38 19.48
C LEU A 354 20.62 -7.80 18.03
N LEU A 355 21.01 -6.87 17.15
CA LEU A 355 21.16 -7.20 15.73
C LEU A 355 22.40 -8.06 15.50
N ARG A 356 23.52 -7.73 16.15
CA ARG A 356 24.72 -8.54 16.01
C ARG A 356 24.46 -9.99 16.40
N ALA A 357 23.71 -10.19 17.49
CA ALA A 357 23.36 -11.55 17.89
C ALA A 357 22.58 -12.25 16.79
N MET A 358 21.56 -11.58 16.24
CA MET A 358 20.76 -12.17 15.17
C MET A 358 21.63 -12.52 13.96
N ARG A 359 22.53 -11.60 13.59
CA ARG A 359 23.40 -11.86 12.44
C ARG A 359 24.28 -13.09 12.67
N ASN A 360 24.71 -13.31 13.91
CA ASN A 360 25.54 -14.48 14.20
C ASN A 360 24.69 -15.73 14.32
N LYS A 361 23.58 -15.67 15.04
CA LYS A 361 22.73 -16.85 15.13
C LYS A 361 22.22 -17.26 13.76
N LYS A 362 22.06 -16.30 12.83
CA LYS A 362 21.65 -16.67 11.48
C LYS A 362 22.82 -17.24 10.69
N HIS A 363 24.02 -16.74 10.92
CA HIS A 363 25.18 -17.22 10.18
C HIS A 363 25.59 -18.61 10.65
N HIS A 364 25.43 -18.91 11.95
CA HIS A 364 25.81 -20.20 12.52
C HIS A 364 24.61 -21.07 12.86
N TYR A 365 23.52 -20.95 12.07
CA TYR A 365 22.30 -21.68 12.42
C TYR A 365 22.50 -23.18 12.36
N ARG A 366 23.16 -23.66 11.29
CA ARG A 366 23.45 -25.09 11.17
C ARG A 366 24.29 -25.56 12.36
N GLU A 367 25.40 -24.87 12.60
CA GLU A 367 26.26 -25.21 13.72
C GLU A 367 25.58 -24.96 15.06
N LEU A 368 24.34 -24.44 15.04
CA LEU A 368 23.63 -24.18 16.28
C LEU A 368 23.06 -25.48 16.85
N PRO A 369 23.14 -25.69 18.18
CA PRO A 369 22.58 -26.93 18.75
C PRO A 369 21.11 -27.13 18.43
N ALA A 370 20.59 -28.31 18.73
CA ALA A 370 19.24 -28.67 18.28
C ALA A 370 18.15 -28.00 19.11
N GLU A 371 18.30 -27.98 20.44
CA GLU A 371 17.31 -27.30 21.27
C GLU A 371 17.24 -25.82 20.92
N VAL A 372 18.39 -25.20 20.69
CA VAL A 372 18.42 -23.80 20.24
C VAL A 372 17.67 -23.69 18.91
N ARG A 373 18.13 -24.44 17.90
CA ARG A 373 17.47 -24.38 16.60
C ARG A 373 15.98 -24.69 16.72
N GLU A 374 15.61 -25.58 17.65
CA GLU A 374 14.19 -25.89 17.82
C GLU A 374 13.42 -24.69 18.38
N THR A 375 14.00 -24.00 19.37
CA THR A 375 13.34 -22.83 19.93
C THR A 375 13.32 -21.68 18.94
N LEU A 376 14.41 -21.49 18.19
CA LEU A 376 14.47 -20.39 17.23
C LEU A 376 13.46 -20.57 16.11
N GLY A 377 13.45 -21.76 15.49
CA GLY A 377 12.55 -22.03 14.38
C GLY A 377 13.31 -22.09 13.07
N SER A 378 12.56 -22.38 12.00
CA SER A 378 13.19 -22.63 10.71
C SER A 378 13.65 -21.32 10.07
N LEU A 379 14.78 -21.39 9.37
CA LEU A 379 15.23 -20.28 8.52
C LEU A 379 14.43 -20.28 7.23
N PRO A 380 14.09 -19.10 6.73
CA PRO A 380 14.34 -17.84 7.43
C PRO A 380 13.09 -17.30 8.12
N ASP A 381 11.92 -17.82 7.72
CA ASP A 381 10.68 -17.23 8.17
C ASP A 381 10.55 -17.31 9.69
N ASP A 382 10.64 -18.51 10.25
CA ASP A 382 10.45 -18.68 11.69
C ASP A 382 11.54 -17.97 12.49
N PHE A 383 12.78 -17.99 11.99
CA PHE A 383 13.86 -17.29 12.66
C PHE A 383 13.53 -15.81 12.86
N VAL A 384 13.32 -15.09 11.75
CA VAL A 384 13.06 -13.65 11.84
C VAL A 384 11.83 -13.38 12.70
N CYS A 385 10.82 -14.25 12.60
CA CYS A 385 9.61 -14.04 13.37
C CYS A 385 9.82 -14.32 14.85
N TYR A 386 10.85 -15.10 15.20
CA TYR A 386 11.20 -15.30 16.60
C TYR A 386 11.49 -13.99 17.30
N PHE A 387 12.14 -13.07 16.59
CA PHE A 387 12.56 -11.81 17.18
C PHE A 387 11.52 -10.70 17.00
N THR A 388 10.98 -10.56 15.79
CA THR A 388 9.92 -9.56 15.58
C THR A 388 8.76 -9.78 16.54
N SER A 389 8.42 -11.04 16.81
CA SER A 389 7.35 -11.32 17.76
C SER A 389 7.68 -10.80 19.15
N ARG A 390 8.92 -10.99 19.57
CA ARG A 390 9.43 -10.48 20.83
C ARG A 390 9.68 -8.99 20.94
N PHE A 391 10.06 -8.38 19.84
CA PHE A 391 10.40 -6.96 19.80
C PHE A 391 9.68 -6.34 18.61
N PRO A 392 8.40 -6.00 18.78
CA PRO A 392 7.59 -5.57 17.65
C PRO A 392 7.88 -4.16 17.15
N HIS A 393 8.81 -3.44 17.78
CA HIS A 393 9.24 -2.14 17.29
C HIS A 393 10.64 -2.18 16.70
N LEU A 394 11.31 -3.33 16.75
CA LEU A 394 12.71 -3.40 16.35
C LEU A 394 12.88 -3.09 14.86
N LEU A 395 12.03 -3.67 14.01
CA LEU A 395 12.15 -3.40 12.57
C LEU A 395 11.83 -1.93 12.27
N ALA A 396 10.70 -1.44 12.79
CA ALA A 396 10.33 -0.05 12.52
C ALA A 396 11.40 0.91 13.03
N HIS A 397 11.85 0.72 14.27
CA HIS A 397 12.93 1.56 14.79
C HIS A 397 14.12 1.54 13.84
N THR A 398 14.56 0.34 13.45
CA THR A 398 15.76 0.19 12.62
C THR A 398 15.57 0.80 11.23
N TYR A 399 14.40 0.60 10.62
CA TYR A 399 14.14 1.14 9.29
C TYR A 399 14.24 2.67 9.31
N ARG A 400 13.61 3.32 10.30
CA ARG A 400 13.71 4.76 10.41
C ARG A 400 15.15 5.20 10.63
N ALA A 401 15.84 4.56 11.57
CA ALA A 401 17.19 5.00 11.93
C ALA A 401 18.15 4.87 10.76
N MET A 402 18.07 3.76 10.04
CA MET A 402 19.01 3.48 8.96
C MET A 402 18.70 4.24 7.68
N GLU A 403 17.71 5.14 7.68
CA GLU A 403 17.52 5.97 6.50
C GLU A 403 18.78 6.77 6.19
N LEU A 404 19.62 7.04 7.20
CA LEU A 404 20.88 7.72 6.95
C LEU A 404 21.70 7.04 5.85
N CYS A 405 21.43 5.77 5.57
CA CYS A 405 22.13 5.04 4.51
C CYS A 405 21.23 4.74 3.31
N SER A 406 20.10 5.43 3.20
CA SER A 406 19.21 5.18 2.06
C SER A 406 19.94 5.34 0.73
N HIS A 407 20.87 6.29 0.64
CA HIS A 407 21.56 6.54 -0.62
C HIS A 407 22.51 5.41 -0.99
N GLU A 408 23.05 4.70 0.00
CA GLU A 408 24.08 3.71 -0.27
C GLU A 408 23.53 2.53 -1.07
N ARG A 409 24.35 2.04 -2.00
CA ARG A 409 23.93 0.96 -2.88
C ARG A 409 23.36 -0.23 -2.12
N LEU A 410 23.98 -0.59 -0.99
CA LEU A 410 23.58 -1.78 -0.24
C LEU A 410 22.11 -1.74 0.18
N PHE A 411 21.56 -0.56 0.45
CA PHE A 411 20.22 -0.45 0.97
C PHE A 411 19.19 -0.05 -0.09
N GLN A 412 19.57 -0.14 -1.36
CA GLN A 412 18.59 0.12 -2.42
C GLN A 412 17.39 -0.80 -2.37
N PRO A 413 17.51 -2.09 -2.06
CA PRO A 413 16.30 -2.93 -1.96
C PRO A 413 15.31 -2.47 -0.90
N TYR A 414 15.71 -1.58 0.02
CA TYR A 414 14.88 -1.23 1.15
C TYR A 414 14.38 0.20 1.14
N TYR A 415 15.06 1.09 0.42
CA TYR A 415 14.65 2.47 0.30
C TYR A 415 14.58 2.84 -1.17
N PHE A 416 13.65 3.72 -1.50
CA PHE A 416 13.59 4.35 -2.80
C PHE A 416 14.35 5.66 -2.73
N HIS A 417 15.44 5.79 -3.48
CA HIS A 417 16.30 6.96 -3.42
C HIS A 417 16.17 7.84 -4.67
N GLU A 418 16.44 7.29 -5.85
CA GLU A 418 16.35 8.08 -7.09
C GLU A 418 17.31 9.26 -7.10
CS CS B . -4.12 -4.02 -17.99
CS CS C . -13.94 -3.41 11.09
CS CS D . 5.99 12.88 -12.23
CS CS E . 18.28 -10.65 -2.84
CS CS F . -2.68 -8.85 10.29
NA NA G . 20.37 9.76 3.30
C1 GOL H . -15.21 -7.22 10.33
O1 GOL H . -14.02 -7.23 11.09
C2 GOL H . -16.19 -6.18 10.87
O2 GOL H . -15.72 -5.73 12.13
C3 GOL H . -16.35 -5.04 9.88
O3 GOL H . -16.85 -3.87 10.51
H11 GOL H . -14.97 -7.00 9.29
H12 GOL H . -15.67 -8.22 10.36
HO1 GOL H . -13.43 -7.95 10.78
H2 GOL H . -17.15 -6.67 11.01
HO2 GOL H . -14.86 -5.29 12.02
H31 GOL H . -17.03 -5.34 9.08
H32 GOL H . -15.39 -4.81 9.41
HO3 GOL H . -17.41 -3.37 9.87
S1 DTT I . 10.71 5.91 6.90
C1 DTT I . 11.09 6.01 5.15
C2 DTT I . 9.94 6.60 4.37
O2 DTT I . 9.36 5.64 3.50
C3 DTT I . 10.40 7.81 3.56
O3 DTT I . 9.98 7.64 2.22
C4 DTT I . 9.82 9.11 4.06
S4 DTT I . 8.92 9.95 2.74
HS1 DTT I . 9.47 5.46 6.75
H11 DTT I . 11.31 5.01 4.76
H12 DTT I . 11.98 6.62 5.00
H2 DTT I . 9.18 6.95 5.09
HO2 DTT I . 10.06 5.25 2.95
H3 DTT I . 11.50 7.86 3.61
HO3 DTT I . 9.03 7.48 2.20
H41 DTT I . 9.14 8.91 4.90
H42 DTT I . 10.61 9.75 4.43
HS2 DTT I . 8.54 10.99 3.47
C1 BME J . 17.82 14.95 25.18
C2 BME J . 18.97 14.27 24.46
O1 BME J . 16.75 15.17 24.26
S2 BME J . 18.32 13.05 23.31
H11 BME J . 18.15 15.91 25.59
H12 BME J . 17.48 14.33 26.01
H21 BME J . 19.56 15.01 23.91
H22 BME J . 19.63 13.79 25.18
HO1 BME J . 17.10 15.41 23.39
HS2 BME J . 17.13 12.94 23.89
C1 BME K . -10.42 9.90 16.47
C2 BME K . -11.32 10.47 15.39
O1 BME K . -9.74 10.96 17.13
S2 BME K . -12.22 9.12 14.61
H11 BME K . -9.70 9.22 16.03
H12 BME K . -11.02 9.35 17.19
H21 BME K . -12.01 11.18 15.84
H22 BME K . -10.72 10.99 14.64
HO1 BME K . -10.35 11.70 17.25
HS2 BME K . -12.91 8.77 15.71
C1 BME L . -4.37 -8.69 6.15
C2 BME L . -4.08 -8.52 7.63
O1 BME L . -3.46 -9.64 5.58
S2 BME L . -5.62 -8.58 8.56
H11 BME L . -4.28 -7.73 5.64
H12 BME L . -5.40 -9.05 6.02
H21 BME L . -3.41 -9.30 7.97
H22 BME L . -3.59 -7.55 7.80
HO1 BME L . -2.60 -9.53 5.99
HS2 BME L . -5.07 -8.87 9.73
C1 BME M . -7.64 -6.88 13.33
C2 BME M . -6.19 -6.82 13.76
O1 BME M . -8.14 -5.56 13.16
S2 BME M . -5.14 -7.13 12.32
H11 BME M . -8.24 -7.39 14.08
H12 BME M . -7.72 -7.42 12.39
H21 BME M . -5.97 -5.83 14.18
H22 BME M . -5.99 -7.57 14.53
HO1 BME M . -8.80 -5.37 13.83
HS2 BME M . -5.57 -8.36 12.11
CL CL N . 9.17 13.01 -9.85
CL CL O . -4.17 -18.10 -5.16
#